data_5EZT
#
_entry.id   5EZT
#
_cell.length_a   45.701
_cell.length_b   63.309
_cell.length_c   93.211
_cell.angle_alpha   90.00
_cell.angle_beta   90.00
_cell.angle_gamma   90.00
#
_symmetry.space_group_name_H-M   'P 2 21 21'
#
loop_
_entity.id
_entity.type
_entity.pdbx_description
1 polymer 'Carbonic anhydrase 2'
2 non-polymer 'ZINC ION'
3 water water
#
_entity_poly.entity_id   1
_entity_poly.type   'polypeptide(L)'
_entity_poly.pdbx_seq_one_letter_code
;HWGYG(ALY)HNGPEHWH(ALY)DFPIANGERQSPVDIDT(ALY)AVVQDPAL(ALY)PLALVYGEATSRRMVNNGHSFN
VEYDDSQD(ALY)AVL(ALY)DGPLTGTYRLVQFHFHWGSSDDQGSEHTVDR(ALY)(ALY)YAAELHLVHWNT(ALY)Y
GDFGTAAQQPDGLAVVGVFL(ALY)VGDANPALQ(ALY)VLDALDSI(ALY)T(ALY)G(ALY)STDFPNFDPGSLLPNV
LDYWTYPGSLTTPPLLESVTWIVL(ALY)EPISVSSQQML(ALY)FRTLNFNAEGEPELLMLANWRPAQPL(ALY)NRQV
RGFP(ALY)
;
_entity_poly.pdbx_strand_id   X
#
loop_
_chem_comp.id
_chem_comp.type
_chem_comp.name
_chem_comp.formula
ZN non-polymer 'ZINC ION' 'Zn 2'
#
# COMPACT_ATOMS: atom_id res chain seq x y z
N HIS A 1 4.03 -13.40 -14.92
CA HIS A 1 4.97 -12.83 -15.92
C HIS A 1 5.12 -11.31 -15.79
N TRP A 2 4.30 -10.69 -14.96
CA TRP A 2 4.34 -9.23 -14.78
C TRP A 2 5.37 -8.83 -13.73
N GLY A 3 5.94 -7.64 -13.89
CA GLY A 3 6.87 -7.10 -12.91
C GLY A 3 7.08 -5.61 -13.11
N TYR A 4 8.32 -5.16 -12.92
CA TYR A 4 8.64 -3.74 -12.90
C TYR A 4 9.83 -3.33 -13.77
N GLY A 5 10.31 -4.27 -14.58
CA GLY A 5 11.44 -4.00 -15.48
C GLY A 5 10.98 -3.32 -16.77
OH ALY A 6 14.23 -0.19 -25.40
CH ALY A 6 14.34 0.30 -24.29
CH3 ALY A 6 14.33 1.78 -24.08
NZ ALY A 6 14.47 -0.43 -23.16
CE ALY A 6 14.48 -1.88 -23.19
CD ALY A 6 14.52 -2.48 -21.79
CG ALY A 6 13.13 -2.52 -21.16
CB ALY A 6 13.24 -3.06 -19.73
CA ALY A 6 11.92 -2.83 -18.99
N ALY A 6 11.99 -3.35 -17.63
C ALY A 6 10.79 -3.51 -19.76
O ALY A 6 9.98 -2.76 -20.32
N HIS A 7 10.59 -4.82 -19.82
CA HIS A 7 9.74 -5.65 -20.74
C HIS A 7 8.52 -6.27 -20.04
N ASN A 8 8.50 -6.21 -18.71
CA ASN A 8 7.36 -6.74 -17.96
C ASN A 8 6.70 -5.68 -17.04
N GLY A 9 7.18 -4.45 -17.10
CA GLY A 9 6.72 -3.36 -16.20
C GLY A 9 5.35 -2.73 -16.46
N PRO A 10 4.94 -1.75 -15.63
CA PRO A 10 3.63 -1.10 -15.73
C PRO A 10 3.17 -0.73 -17.15
N GLU A 11 4.09 -0.28 -18.01
CA GLU A 11 3.69 0.08 -19.39
C GLU A 11 3.08 -1.11 -20.16
N HIS A 12 3.40 -2.32 -19.73
CA HIS A 12 3.05 -3.55 -20.47
C HIS A 12 1.93 -4.38 -19.84
N TRP A 13 1.55 -4.02 -18.61
CA TRP A 13 0.56 -4.77 -17.84
C TRP A 13 -0.77 -4.92 -18.58
N HIS A 14 -1.13 -3.90 -19.36
CA HIS A 14 -2.38 -3.88 -20.15
C HIS A 14 -2.53 -5.10 -21.09
OH ALY A 15 4.80 -7.17 -22.60
CH ALY A 15 5.19 -6.66 -23.65
CH3 ALY A 15 6.61 -6.84 -24.11
NZ ALY A 15 4.42 -5.93 -24.47
CE ALY A 15 3.01 -5.59 -24.26
CD ALY A 15 2.07 -6.79 -24.09
CG ALY A 15 0.68 -6.32 -23.68
CB ALY A 15 0.00 -7.34 -22.80
CA ALY A 15 -1.43 -6.92 -22.46
N ALY A 15 -1.45 -5.74 -21.59
C ALY A 15 -2.16 -8.07 -21.80
O ALY A 15 -3.24 -8.45 -22.28
N ASP A 16 -2.01 -8.40 -20.51
CA ASP A 16 -2.62 -9.46 -19.66
C ASP A 16 -3.76 -8.94 -18.81
N PHE A 17 -3.73 -7.64 -18.47
CA PHE A 17 -4.72 -7.02 -17.60
C PHE A 17 -5.22 -5.74 -18.26
N PRO A 18 -6.19 -5.85 -19.20
CA PRO A 18 -6.62 -4.69 -19.99
C PRO A 18 -7.18 -3.56 -19.11
N ILE A 19 -7.71 -3.91 -17.93
CA ILE A 19 -8.21 -2.90 -16.97
C ILE A 19 -7.11 -1.89 -16.55
N ALA A 20 -5.84 -2.24 -16.83
CA ALA A 20 -4.72 -1.32 -16.57
C ALA A 20 -4.98 0.05 -17.21
N ASN A 21 -5.75 0.04 -18.30
CA ASN A 21 -6.14 1.25 -19.02
C ASN A 21 -7.57 1.70 -18.69
N GLY A 22 -8.07 1.27 -17.53
CA GLY A 22 -9.42 1.61 -17.07
C GLY A 22 -9.57 3.06 -16.62
N GLU A 23 -10.76 3.37 -16.12
CA GLU A 23 -11.15 4.73 -15.79
C GLU A 23 -10.93 5.08 -14.31
N ARG A 24 -10.61 4.06 -13.50
CA ARG A 24 -10.43 4.31 -12.06
C ARG A 24 -9.16 3.64 -11.53
N GLN A 25 -8.07 3.85 -12.26
CA GLN A 25 -6.79 3.21 -11.94
C GLN A 25 -6.01 4.01 -10.89
N SER A 26 -5.17 3.31 -10.14
CA SER A 26 -4.32 3.92 -9.11
C SER A 26 -2.88 3.45 -9.34
N PRO A 27 -1.86 4.21 -8.86
CA PRO A 27 -2.03 5.43 -8.06
C PRO A 27 -2.33 6.64 -8.93
N VAL A 28 -2.50 7.81 -8.29
CA VAL A 28 -2.62 9.07 -9.02
C VAL A 28 -1.75 10.13 -8.38
N ASP A 29 -1.54 11.21 -9.12
CA ASP A 29 -0.95 12.40 -8.53
C ASP A 29 -2.06 13.18 -7.82
N ILE A 30 -1.79 13.57 -6.58
CA ILE A 30 -2.72 14.37 -5.79
C ILE A 30 -2.34 15.86 -5.98
N ASP A 31 -3.11 16.51 -6.85
CA ASP A 31 -3.00 17.95 -7.12
C ASP A 31 -3.72 18.68 -5.98
N THR A 32 -2.95 19.25 -5.04
CA THR A 32 -3.53 19.79 -3.80
C THR A 32 -4.41 21.02 -4.00
OH ALY A 33 1.77 25.27 -7.14
CH ALY A 33 1.13 24.22 -7.10
CH3 ALY A 33 1.84 22.91 -7.17
NZ ALY A 33 -0.21 24.19 -6.96
CE ALY A 33 -0.98 25.43 -6.87
CD ALY A 33 -2.43 25.21 -7.14
CG ALY A 33 -3.08 24.47 -5.97
CB ALY A 33 -4.28 23.72 -6.53
CA ALY A 33 -4.95 22.91 -5.43
N ALY A 33 -4.13 21.75 -5.09
C ALY A 33 -6.31 22.49 -5.95
O ALY A 33 -7.30 23.23 -5.83
N ALA A 34 -6.43 21.24 -6.43
CA ALA A 34 -7.67 20.60 -6.98
C ALA A 34 -8.48 19.82 -5.93
N VAL A 35 -7.89 19.59 -4.75
CA VAL A 35 -8.56 18.82 -3.70
C VAL A 35 -9.81 19.56 -3.23
N VAL A 36 -10.91 18.81 -3.06
CA VAL A 36 -12.21 19.36 -2.66
C VAL A 36 -12.59 18.94 -1.23
N GLN A 37 -13.21 19.86 -0.49
CA GLN A 37 -13.77 19.52 0.83
C GLN A 37 -15.12 18.81 0.65
N ASP A 38 -15.48 17.98 1.60
CA ASP A 38 -16.77 17.27 1.55
C ASP A 38 -17.27 17.03 2.98
N PRO A 39 -18.39 17.69 3.34
CA PRO A 39 -18.89 17.61 4.72
C PRO A 39 -19.33 16.20 5.15
N ALA A 40 -19.51 15.31 4.18
CA ALA A 40 -19.82 13.90 4.48
C ALA A 40 -18.61 13.18 5.09
N LEU A 41 -17.40 13.64 4.76
CA LEU A 41 -16.20 12.94 5.26
C LEU A 41 -16.11 13.03 6.78
OH ALY A 42 -20.08 7.86 12.52
CH ALY A 42 -20.73 8.02 11.50
CH3 ALY A 42 -21.79 7.02 11.07
NZ ALY A 42 -20.58 9.07 10.68
CE ALY A 42 -19.62 10.14 10.90
CD ALY A 42 -18.22 9.76 10.46
CG ALY A 42 -17.66 10.74 9.44
CB ALY A 42 -16.14 10.61 9.38
CA ALY A 42 -15.43 11.86 8.91
N ALY A 42 -15.57 11.99 7.45
C ALY A 42 -13.95 11.73 9.28
O ALY A 42 -13.19 11.24 8.43
N PRO A 43 -13.50 11.85 10.54
CA PRO A 43 -12.18 11.37 10.95
C PRO A 43 -12.03 9.87 10.69
N LEU A 44 -10.82 9.45 10.34
CA LEU A 44 -10.55 8.01 10.27
C LEU A 44 -10.67 7.36 11.63
N ALA A 45 -11.27 6.18 11.65
CA ALA A 45 -11.24 5.37 12.87
C ALA A 45 -10.40 4.13 12.61
N LEU A 46 -9.16 4.14 13.09
CA LEU A 46 -8.31 2.96 12.96
C LEU A 46 -8.34 2.22 14.28
N VAL A 47 -9.01 1.07 14.29
CA VAL A 47 -9.25 0.36 15.53
C VAL A 47 -8.34 -0.87 15.51
N TYR A 48 -7.08 -0.64 15.87
CA TYR A 48 -5.99 -1.60 15.66
C TYR A 48 -5.48 -2.21 16.98
N GLY A 49 -6.13 -1.84 18.09
CA GLY A 49 -5.74 -2.34 19.41
C GLY A 49 -5.54 -3.85 19.53
N GLU A 50 -6.40 -4.63 18.86
CA GLU A 50 -6.36 -6.09 18.96
C GLU A 50 -5.74 -6.76 17.72
N ALA A 51 -5.15 -5.94 16.85
CA ALA A 51 -4.48 -6.41 15.63
C ALA A 51 -3.57 -7.59 15.93
N THR A 52 -3.66 -8.64 15.11
CA THR A 52 -2.86 -9.85 15.32
C THR A 52 -2.05 -10.25 14.08
N SER A 53 -0.80 -9.80 14.03
CA SER A 53 0.11 -10.19 12.92
C SER A 53 0.44 -11.67 13.00
N ARG A 54 0.65 -12.27 11.83
CA ARG A 54 0.94 -13.69 11.78
C ARG A 54 2.31 -13.94 11.14
N ARG A 55 2.44 -13.60 9.87
CA ARG A 55 3.66 -13.94 9.14
C ARG A 55 4.03 -12.87 8.15
N MET A 56 5.31 -12.86 7.79
CA MET A 56 5.83 -12.00 6.73
C MET A 56 6.26 -12.88 5.57
N VAL A 57 5.88 -12.47 4.34
CA VAL A 57 6.08 -13.33 3.16
C VAL A 57 6.55 -12.55 1.93
N ASN A 58 7.54 -13.14 1.24
CA ASN A 58 8.06 -12.60 -0.03
C ASN A 58 7.28 -13.32 -1.13
N ASN A 59 6.43 -12.60 -1.85
CA ASN A 59 5.61 -13.26 -2.91
C ASN A 59 6.14 -13.00 -4.32
N GLY A 60 7.38 -12.53 -4.40
CA GLY A 60 8.02 -12.22 -5.68
C GLY A 60 7.69 -10.85 -6.29
N HIS A 61 6.80 -10.09 -5.65
CA HIS A 61 6.43 -8.76 -6.15
C HIS A 61 6.68 -7.69 -5.10
N SER A 62 6.54 -8.10 -3.83
CA SER A 62 6.86 -7.27 -2.68
C SER A 62 6.94 -8.27 -1.51
N PHE A 63 6.92 -7.76 -0.30
CA PHE A 63 6.66 -8.62 0.86
C PHE A 63 5.45 -8.08 1.62
N ASN A 64 4.67 -9.00 2.16
CA ASN A 64 3.49 -8.65 2.96
C ASN A 64 3.65 -9.11 4.39
N VAL A 65 3.12 -8.30 5.29
CA VAL A 65 2.91 -8.70 6.68
C VAL A 65 1.43 -9.01 6.79
N GLU A 66 1.15 -10.27 7.08
CA GLU A 66 -0.22 -10.78 7.11
C GLU A 66 -0.80 -10.71 8.51
N TYR A 67 -2.09 -10.36 8.57
CA TYR A 67 -2.86 -10.24 9.80
C TYR A 67 -4.00 -11.24 9.81
N ASP A 68 -4.32 -11.72 11.02
CA ASP A 68 -5.48 -12.58 11.25
C ASP A 68 -6.75 -11.74 11.04
N ASP A 69 -7.45 -12.02 9.94
CA ASP A 69 -8.69 -11.31 9.63
C ASP A 69 -9.90 -12.26 9.75
N SER A 70 -9.74 -13.27 10.62
CA SER A 70 -10.78 -14.24 10.95
C SER A 70 -11.89 -13.58 11.76
N GLN A 71 -11.53 -12.59 12.59
CA GLN A 71 -12.50 -11.84 13.40
C GLN A 71 -12.29 -10.33 13.24
N ASP A 72 -13.19 -9.51 13.80
CA ASP A 72 -13.05 -8.06 13.76
C ASP A 72 -11.95 -7.62 14.73
OH ALY A 73 -8.03 -14.05 18.49
CH ALY A 73 -7.05 -13.84 17.78
CH3 ALY A 73 -5.70 -14.39 18.16
NZ ALY A 73 -7.10 -13.15 16.64
CE ALY A 73 -8.30 -12.53 16.09
CD ALY A 73 -7.97 -11.27 15.28
CG ALY A 73 -8.71 -10.05 15.83
CB ALY A 73 -8.48 -8.82 14.96
CA ALY A 73 -9.45 -7.69 15.33
N ALY A 73 -10.64 -7.81 14.52
C ALY A 73 -8.79 -6.34 15.09
O ALY A 73 -8.29 -5.70 16.02
N ALA A 74 -8.58 -5.97 13.83
CA ALA A 74 -7.99 -4.66 13.40
C ALA A 74 -8.88 -4.15 12.30
N VAL A 75 -9.61 -3.09 12.60
CA VAL A 75 -10.60 -2.62 11.64
C VAL A 75 -10.47 -1.13 11.32
N LEU A 76 -11.00 -0.77 10.17
CA LEU A 76 -11.04 0.59 9.69
C LEU A 76 -12.51 0.95 9.39
OH ALY A 77 -15.44 1.69 16.85
CH ALY A 77 -15.55 0.56 16.35
CH3 ALY A 77 -15.56 -0.67 17.20
NZ ALY A 77 -15.67 0.34 15.04
CE ALY A 77 -15.69 1.34 13.98
CD ALY A 77 -16.25 0.75 12.68
CG ALY A 77 -15.35 0.91 11.45
CB ALY A 77 -14.96 2.36 11.18
CA ALY A 77 -14.19 2.58 9.87
N ALY A 77 -12.82 2.09 10.00
C ALY A 77 -14.13 4.07 9.62
O ALY A 77 -13.12 4.72 9.87
N ASP A 78 -15.35 4.58 9.45
CA ASP A 78 -15.51 6.05 9.28
C ASP A 78 -14.60 6.57 8.15
N GLY A 79 -13.97 7.72 8.32
CA GLY A 79 -13.30 8.37 7.17
C GLY A 79 -14.32 8.60 6.04
N PRO A 80 -14.02 8.11 4.81
CA PRO A 80 -14.99 8.18 3.72
C PRO A 80 -15.91 6.95 3.63
N LEU A 81 -15.72 6.01 4.56
CA LEU A 81 -16.27 4.65 4.44
C LEU A 81 -17.63 4.48 5.08
N THR A 82 -18.41 3.58 4.47
CA THR A 82 -19.61 3.01 5.04
C THR A 82 -19.29 1.57 5.47
N GLY A 83 -19.61 1.25 6.73
CA GLY A 83 -19.42 -0.11 7.22
C GLY A 83 -18.02 -0.34 7.75
N THR A 84 -17.65 -1.61 7.90
CA THR A 84 -16.45 -2.02 8.62
C THR A 84 -15.53 -2.79 7.68
N TYR A 85 -14.26 -2.38 7.66
CA TYR A 85 -13.23 -3.00 6.84
C TYR A 85 -12.18 -3.66 7.74
N ARG A 86 -11.82 -4.90 7.42
CA ARG A 86 -10.83 -5.65 8.21
C ARG A 86 -9.47 -5.58 7.56
N LEU A 87 -8.46 -5.36 8.39
CA LEU A 87 -7.08 -5.38 7.93
C LEU A 87 -6.67 -6.82 7.60
N VAL A 88 -6.14 -7.06 6.40
CA VAL A 88 -5.68 -8.40 5.99
C VAL A 88 -4.13 -8.47 5.88
N GLN A 89 -3.52 -7.41 5.32
CA GLN A 89 -2.06 -7.34 5.20
C GLN A 89 -1.60 -5.91 5.00
N PHE A 90 -0.31 -5.65 5.27
CA PHE A 90 0.30 -4.42 4.73
C PHE A 90 1.57 -4.75 3.98
N HIS A 91 1.97 -3.83 3.11
CA HIS A 91 3.17 -4.06 2.31
C HIS A 91 3.67 -2.68 1.86
N PHE A 92 4.82 -2.67 1.21
CA PHE A 92 5.46 -1.42 0.78
C PHE A 92 5.74 -1.41 -0.72
N HIS A 93 5.90 -0.20 -1.23
CA HIS A 93 6.49 0.02 -2.55
C HIS A 93 7.68 0.98 -2.35
N TRP A 94 8.75 0.72 -3.09
CA TRP A 94 9.96 1.57 -2.98
C TRP A 94 10.65 1.66 -4.35
N GLY A 95 11.64 2.54 -4.43
CA GLY A 95 12.34 2.77 -5.69
C GLY A 95 13.82 2.42 -5.59
N SER A 96 14.53 2.55 -6.71
CA SER A 96 15.95 2.14 -6.76
C SER A 96 16.88 3.19 -6.17
N SER A 97 16.35 4.40 -5.96
CA SER A 97 17.08 5.44 -5.23
C SER A 97 16.10 6.21 -4.34
N ASP A 98 16.64 7.02 -3.43
CA ASP A 98 15.82 7.62 -2.39
C ASP A 98 14.86 8.67 -2.92
N ASP A 99 15.14 9.20 -4.11
CA ASP A 99 14.38 10.32 -4.71
C ASP A 99 13.07 9.85 -5.38
N GLN A 100 12.84 8.54 -5.35
CA GLN A 100 11.65 7.98 -5.99
C GLN A 100 11.22 6.71 -5.28
N GLY A 101 9.97 6.32 -5.47
CA GLY A 101 9.52 5.06 -4.92
C GLY A 101 8.07 5.04 -4.50
N SER A 102 7.51 6.20 -4.13
CA SER A 102 6.10 6.25 -3.76
C SER A 102 5.25 6.04 -5.02
N GLU A 103 4.03 5.54 -4.84
CA GLU A 103 3.12 5.36 -5.96
C GLU A 103 2.26 6.62 -6.15
N HIS A 104 1.52 7.01 -5.11
CA HIS A 104 0.90 8.33 -5.16
C HIS A 104 2.00 9.39 -5.13
N THR A 105 1.72 10.53 -5.75
CA THR A 105 2.60 11.68 -5.66
C THR A 105 1.72 12.85 -5.21
N VAL A 106 2.36 13.88 -4.67
CA VAL A 106 1.65 15.05 -4.11
C VAL A 106 2.23 16.27 -4.82
N ASP A 107 1.40 16.92 -5.64
CA ASP A 107 1.87 17.98 -6.56
C ASP A 107 3.16 17.52 -7.28
N ARG A 108 3.13 16.26 -7.71
CA ARG A 108 4.21 15.58 -8.45
C ARG A 108 5.47 15.32 -7.64
OH ALY A 109 10.42 13.91 0.18
CH ALY A 109 9.54 14.78 0.15
CH3 ALY A 109 9.54 15.93 1.14
NZ ALY A 109 8.55 14.77 -0.75
CE ALY A 109 7.49 15.77 -0.83
CD ALY A 109 7.65 16.63 -2.07
CG ALY A 109 7.70 15.72 -3.27
CB ALY A 109 6.44 15.90 -4.11
CA ALY A 109 6.51 15.14 -5.42
N ALY A 109 5.45 15.58 -6.33
C ALY A 109 6.45 13.65 -5.15
O ALY A 109 5.37 13.18 -4.77
OH ALY A 110 10.77 10.01 -10.88
CH ALY A 110 9.71 9.81 -11.49
CH3 ALY A 110 9.65 9.69 -12.99
NZ ALY A 110 8.47 9.72 -10.98
CE ALY A 110 7.97 9.76 -9.61
CD ALY A 110 8.87 10.34 -8.53
CG ALY A 110 7.97 10.91 -7.45
CB ALY A 110 8.68 10.92 -6.12
CA ALY A 110 7.79 11.51 -5.03
N ALY A 110 7.58 12.94 -5.26
C ALY A 110 8.48 11.31 -3.68
O ALY A 110 9.32 12.12 -3.33
N TYR A 111 7.95 10.41 -2.85
CA TYR A 111 8.65 10.01 -1.61
C TYR A 111 9.48 8.75 -1.87
N ALA A 112 10.31 8.38 -0.90
CA ALA A 112 11.22 7.22 -1.05
C ALA A 112 10.47 5.88 -1.08
N ALA A 113 9.30 5.87 -0.44
CA ALA A 113 8.52 4.60 -0.30
C ALA A 113 7.07 4.92 0.06
N GLU A 114 6.22 3.90 -0.05
CA GLU A 114 4.82 4.06 0.31
C GLU A 114 4.33 2.74 0.91
N LEU A 115 3.66 2.86 2.06
CA LEU A 115 3.12 1.71 2.79
C LEU A 115 1.62 1.63 2.46
N HIS A 116 1.15 0.40 2.19
CA HIS A 116 -0.27 0.14 1.94
C HIS A 116 -0.80 -0.83 2.99
N LEU A 117 -1.79 -0.36 3.76
CA LEU A 117 -2.55 -1.20 4.70
C LEU A 117 -3.85 -1.55 3.98
N VAL A 118 -4.03 -2.83 3.67
CA VAL A 118 -5.11 -3.30 2.84
C VAL A 118 -6.21 -3.89 3.72
N HIS A 119 -7.45 -3.43 3.47
CA HIS A 119 -8.62 -3.81 4.25
C HIS A 119 -9.76 -4.21 3.33
N TRP A 120 -10.63 -5.11 3.82
CA TRP A 120 -11.78 -5.54 3.02
C TRP A 120 -13.10 -5.41 3.81
N ASN A 121 -14.15 -5.05 3.06
CA ASN A 121 -15.47 -4.80 3.58
C ASN A 121 -16.12 -6.09 4.05
N THR A 122 -16.35 -6.19 5.36
CA THR A 122 -16.91 -7.41 5.98
C THR A 122 -18.33 -7.72 5.51
OH ALY A 123 -23.93 -4.17 -1.58
CH ALY A 123 -23.42 -3.18 -1.05
CH3 ALY A 123 -23.56 -1.82 -1.66
NZ ALY A 123 -22.71 -3.24 0.08
CE ALY A 123 -22.44 -4.44 0.85
CD ALY A 123 -21.25 -4.25 1.79
CG ALY A 123 -20.59 -5.55 2.22
CB ALY A 123 -21.05 -5.94 3.62
CA ALY A 123 -20.34 -7.14 4.24
N ALY A 123 -19.04 -6.79 4.83
C ALY A 123 -20.24 -8.24 3.21
O ALY A 123 -21.20 -8.99 3.07
N TYR A 124 -19.05 -8.48 2.64
CA TYR A 124 -18.86 -9.51 1.58
C TYR A 124 -18.39 -10.88 2.11
N GLY A 125 -18.18 -10.96 3.43
CA GLY A 125 -17.84 -12.23 4.07
C GLY A 125 -16.37 -12.59 3.98
N ASP A 126 -15.80 -12.47 2.78
CA ASP A 126 -14.35 -12.72 2.61
C ASP A 126 -13.65 -11.75 1.63
N PHE A 127 -12.32 -11.76 1.69
CA PHE A 127 -11.55 -10.82 0.88
C PHE A 127 -11.83 -11.00 -0.63
N GLY A 128 -11.88 -12.26 -1.08
CA GLY A 128 -12.00 -12.58 -2.51
C GLY A 128 -13.26 -11.99 -3.08
N THR A 129 -14.35 -12.13 -2.33
CA THR A 129 -15.65 -11.59 -2.72
C THR A 129 -15.62 -10.04 -2.73
N ALA A 130 -15.09 -9.47 -1.64
CA ALA A 130 -14.98 -8.01 -1.50
C ALA A 130 -14.19 -7.41 -2.68
N ALA A 131 -13.15 -8.13 -3.10
CA ALA A 131 -12.19 -7.63 -4.10
C ALA A 131 -12.82 -7.33 -5.47
N GLN A 132 -13.98 -7.93 -5.76
CA GLN A 132 -14.62 -7.72 -7.06
C GLN A 132 -15.72 -6.63 -7.03
N GLN A 133 -15.86 -5.92 -5.90
CA GLN A 133 -16.93 -4.94 -5.66
C GLN A 133 -16.39 -3.52 -5.54
N PRO A 134 -17.11 -2.53 -6.11
CA PRO A 134 -16.63 -1.13 -6.09
C PRO A 134 -16.36 -0.62 -4.66
N ASP A 135 -17.18 -1.02 -3.69
CA ASP A 135 -17.03 -0.63 -2.28
C ASP A 135 -16.35 -1.71 -1.42
N GLY A 136 -15.60 -2.59 -2.08
CA GLY A 136 -15.12 -3.82 -1.43
C GLY A 136 -13.85 -3.68 -0.62
N LEU A 137 -12.92 -2.84 -1.10
CA LEU A 137 -11.62 -2.71 -0.43
C LEU A 137 -11.36 -1.29 -0.02
N ALA A 138 -10.50 -1.13 0.99
CA ALA A 138 -10.03 0.20 1.41
C ALA A 138 -8.55 0.05 1.74
N VAL A 139 -7.74 0.90 1.14
CA VAL A 139 -6.30 0.85 1.36
C VAL A 139 -5.87 2.21 1.91
N VAL A 140 -5.21 2.17 3.06
CA VAL A 140 -4.58 3.34 3.66
C VAL A 140 -3.17 3.42 3.11
N GLY A 141 -2.83 4.55 2.52
CA GLY A 141 -1.48 4.74 2.02
C GLY A 141 -0.75 5.72 2.91
N VAL A 142 0.51 5.40 3.21
CA VAL A 142 1.35 6.23 4.12
C VAL A 142 2.69 6.43 3.42
N PHE A 143 3.10 7.69 3.24
CA PHE A 143 4.39 8.01 2.62
C PHE A 143 5.53 7.82 3.61
N LEU A 144 6.70 7.37 3.11
CA LEU A 144 7.94 7.29 3.88
C LEU A 144 8.91 8.33 3.31
OH ALY A 145 8.57 13.99 10.38
CH ALY A 145 8.53 12.83 10.00
CH3 ALY A 145 8.22 11.73 10.99
NZ ALY A 145 8.75 12.44 8.72
CE ALY A 145 9.08 13.41 7.68
CD ALY A 145 8.57 13.08 6.27
CG ALY A 145 8.98 11.69 5.77
CB ALY A 145 9.44 11.74 4.31
CA ALY A 145 10.06 10.44 3.81
N ALY A 145 9.22 9.30 4.17
C ALY A 145 11.45 10.27 4.40
O ALY A 145 11.52 9.96 5.60
N VAL A 146 12.42 10.28 3.48
CA VAL A 146 13.81 10.03 3.99
C VAL A 146 14.21 11.10 5.01
N GLY A 147 14.72 10.65 6.16
CA GLY A 147 15.17 11.52 7.23
C GLY A 147 15.73 10.65 8.34
N ASP A 148 15.17 10.78 9.54
CA ASP A 148 15.56 10.01 10.72
C ASP A 148 15.22 8.53 10.57
N ALA A 149 16.07 7.67 11.14
CA ALA A 149 15.76 6.24 11.22
C ALA A 149 14.45 6.02 12.01
N ASN A 150 13.69 5.02 11.60
CA ASN A 150 12.37 4.72 12.17
C ASN A 150 12.42 3.35 12.90
N PRO A 151 12.37 3.36 14.25
CA PRO A 151 12.45 2.14 15.10
C PRO A 151 11.45 0.96 14.83
N ALA A 152 10.16 1.06 15.17
CA ALA A 152 9.00 0.55 14.40
C ALA A 152 9.29 -0.04 13.03
N LEU A 153 9.71 0.79 12.07
CA LEU A 153 9.99 0.26 10.75
C LEU A 153 11.12 -0.77 10.83
N GLN A 154 12.13 -0.49 11.65
CA GLN A 154 13.30 -1.37 11.76
C GLN A 154 12.93 -2.81 12.14
OH ALY A 155 10.57 -1.76 18.76
CH ALY A 155 9.53 -2.18 18.25
CH3 ALY A 155 8.88 -3.46 18.66
NZ ALY A 155 8.92 -1.51 17.29
CE ALY A 155 9.47 -0.25 16.81
CD ALY A 155 10.15 -0.38 15.42
CG ALY A 155 10.72 -1.92 15.31
CB ALY A 155 10.17 -3.22 14.55
CA ALY A 155 11.19 -3.98 13.62
N ALY A 155 11.92 -2.92 12.97
C ALY A 155 10.72 -4.92 12.47
O ALY A 155 11.28 -5.99 12.09
N VAL A 156 10.34 -4.47 11.26
CA VAL A 156 9.99 -5.04 9.89
C VAL A 156 11.24 -5.35 9.06
N LEU A 157 12.12 -4.36 8.91
CA LEU A 157 13.31 -4.52 8.08
C LEU A 157 14.27 -5.62 8.60
N ASP A 158 14.35 -5.77 9.92
CA ASP A 158 15.16 -6.84 10.53
C ASP A 158 14.75 -8.25 10.08
N ALA A 159 13.45 -8.45 9.87
CA ALA A 159 12.93 -9.73 9.37
C ALA A 159 13.21 -10.03 7.87
N LEU A 160 13.57 -8.99 7.11
CA LEU A 160 13.79 -9.19 5.65
C LEU A 160 14.88 -10.21 5.28
N ASP A 161 15.86 -10.38 6.17
CA ASP A 161 16.94 -11.34 5.95
C ASP A 161 16.42 -12.79 5.89
N SER A 162 15.29 -13.04 6.54
CA SER A 162 14.62 -14.35 6.64
C SER A 162 13.69 -14.66 5.47
N ILE A 163 13.41 -13.65 4.65
CA ILE A 163 12.56 -13.85 3.48
C ILE A 163 13.20 -13.26 2.21
OH ALY A 164 19.75 -15.81 5.16
CH ALY A 164 19.99 -15.39 4.04
CH3 ALY A 164 20.97 -16.12 3.14
NZ ALY A 164 19.42 -14.28 3.55
CE ALY A 164 19.66 -13.74 2.22
CD ALY A 164 18.91 -12.44 1.87
CG ALY A 164 17.39 -12.50 2.07
CB ALY A 164 16.66 -13.17 0.90
CA ALY A 164 15.17 -12.81 0.89
N ALY A 164 14.49 -13.54 1.96
C ALY A 164 14.55 -13.13 -0.46
O ALY A 164 14.55 -12.29 -1.34
N THR A 165 14.14 -14.39 -0.64
CA THR A 165 13.73 -14.82 -2.01
C THR A 165 12.24 -15.19 -2.09
OH ALY A 166 6.29 -15.52 -10.66
CH ALY A 166 6.73 -16.07 -9.67
CH3 ALY A 166 7.54 -17.33 -9.77
NZ ALY A 166 6.51 -15.54 -8.46
CE ALY A 166 6.99 -16.15 -7.23
CD ALY A 166 8.46 -15.87 -6.98
CG ALY A 166 8.67 -15.71 -5.48
CB ALY A 166 10.13 -15.56 -5.11
CA ALY A 166 10.34 -15.51 -3.59
N ALY A 166 11.77 -15.33 -3.33
C ALY A 166 9.86 -16.79 -2.90
O ALY A 166 10.39 -17.86 -3.15
N GLY A 167 8.76 -16.70 -2.16
CA GLY A 167 8.03 -17.86 -1.55
C GLY A 167 8.48 -18.09 -0.12
OH ALY A 168 16.80 -17.34 0.04
CH ALY A 168 16.95 -17.86 1.15
CH3 ALY A 168 18.22 -17.64 1.91
NZ ALY A 168 16.06 -18.65 1.75
CE ALY A 168 14.74 -18.99 1.20
CD ALY A 168 13.77 -17.90 1.65
CG ALY A 168 12.35 -18.11 1.15
CB ALY A 168 11.40 -17.17 1.89
CA ALY A 168 9.93 -17.57 1.72
N ALY A 168 9.52 -17.38 0.33
C ALY A 168 9.06 -16.74 2.65
O ALY A 168 8.56 -15.68 2.29
N SER A 169 8.83 -17.38 3.83
CA SER A 169 8.02 -16.66 4.83
C SER A 169 8.63 -16.87 6.22
N THR A 170 8.28 -15.98 7.14
CA THR A 170 8.79 -16.07 8.50
C THR A 170 7.74 -15.64 9.52
N ASP A 171 7.75 -16.26 10.70
CA ASP A 171 6.81 -15.90 11.77
C ASP A 171 7.04 -14.44 12.12
N PHE A 172 5.96 -13.69 12.31
CA PHE A 172 6.08 -12.26 12.61
C PHE A 172 4.93 -11.83 13.52
N PRO A 173 4.93 -12.27 14.79
CA PRO A 173 3.77 -12.03 15.67
C PRO A 173 3.84 -10.70 16.41
N ASN A 174 2.66 -10.23 16.81
CA ASN A 174 2.48 -9.10 17.72
C ASN A 174 3.04 -7.78 17.21
N PHE A 175 3.07 -7.61 15.89
CA PHE A 175 3.44 -6.32 15.35
C PHE A 175 2.25 -5.38 15.30
N ASP A 176 2.39 -4.20 15.92
CA ASP A 176 1.32 -3.20 15.97
C ASP A 176 1.35 -2.36 14.68
N PRO A 177 0.35 -2.54 13.78
CA PRO A 177 0.39 -1.80 12.53
C PRO A 177 0.19 -0.28 12.76
N GLY A 178 -0.42 0.08 13.88
CA GLY A 178 -0.53 1.49 14.26
C GLY A 178 0.80 2.22 14.49
N SER A 179 1.88 1.45 14.67
CA SER A 179 3.21 2.00 14.95
C SER A 179 3.83 2.59 13.68
N LEU A 180 3.18 2.31 12.55
CA LEU A 180 3.65 2.78 11.22
C LEU A 180 2.73 3.88 10.66
N LEU A 181 1.89 4.42 11.54
CA LEU A 181 1.00 5.53 11.18
C LEU A 181 1.53 6.83 11.77
N PRO A 182 1.32 7.96 11.05
CA PRO A 182 1.62 9.26 11.63
C PRO A 182 0.59 9.53 12.70
N ASN A 183 0.90 10.48 13.59
CA ASN A 183 -0.02 10.77 14.68
C ASN A 183 -1.17 11.69 14.27
N VAL A 184 -0.98 12.45 13.20
CA VAL A 184 -2.12 13.17 12.62
C VAL A 184 -2.66 12.41 11.40
N LEU A 185 -3.97 12.25 11.38
CA LEU A 185 -4.62 11.36 10.40
C LEU A 185 -5.43 12.05 9.31
N ASP A 186 -5.10 13.31 9.03
CA ASP A 186 -5.63 14.03 7.88
C ASP A 186 -5.39 13.16 6.62
N TYR A 187 -6.36 13.16 5.70
CA TYR A 187 -6.24 12.29 4.54
C TYR A 187 -6.84 12.90 3.28
N TRP A 188 -6.37 12.37 2.15
CA TRP A 188 -6.98 12.50 0.82
C TRP A 188 -7.69 11.21 0.46
N THR A 189 -8.79 11.29 -0.29
CA THR A 189 -9.50 10.07 -0.66
C THR A 189 -10.10 10.16 -2.06
N TYR A 190 -10.07 9.05 -2.79
CA TYR A 190 -10.64 9.00 -4.14
C TYR A 190 -10.87 7.51 -4.45
N PRO A 191 -11.80 7.23 -5.38
CA PRO A 191 -12.09 5.85 -5.80
C PRO A 191 -11.06 5.39 -6.80
N GLY A 192 -10.50 4.20 -6.58
CA GLY A 192 -9.35 3.76 -7.38
C GLY A 192 -9.25 2.25 -7.48
N SER A 193 -8.03 1.75 -7.68
CA SER A 193 -7.82 0.33 -7.95
C SER A 193 -6.65 -0.21 -7.17
N LEU A 194 -6.52 -1.54 -7.10
CA LEU A 194 -5.24 -2.14 -6.71
C LEU A 194 -4.16 -1.60 -7.65
N THR A 195 -2.95 -1.40 -7.12
CA THR A 195 -1.85 -0.87 -7.95
C THR A 195 -0.97 -1.99 -8.52
N THR A 196 -1.36 -3.25 -8.25
CA THR A 196 -0.70 -4.41 -8.83
C THR A 196 -1.76 -5.27 -9.53
N PRO A 197 -1.36 -5.99 -10.60
CA PRO A 197 -2.31 -6.96 -11.18
C PRO A 197 -2.95 -7.83 -10.08
N PRO A 198 -4.27 -8.07 -10.16
CA PRO A 198 -5.20 -7.79 -11.27
C PRO A 198 -5.78 -6.37 -11.42
N LEU A 199 -5.30 -5.40 -10.63
CA LEU A 199 -5.63 -3.97 -10.84
C LEU A 199 -7.13 -3.66 -10.75
N LEU A 200 -7.82 -4.40 -9.88
CA LEU A 200 -9.27 -4.33 -9.74
C LEU A 200 -9.65 -2.95 -9.23
N GLU A 201 -10.68 -2.40 -9.84
CA GLU A 201 -11.21 -1.08 -9.49
C GLU A 201 -12.25 -1.20 -8.36
N SER A 202 -11.76 -1.63 -7.18
CA SER A 202 -12.58 -1.94 -6.01
C SER A 202 -12.05 -1.28 -4.74
N VAL A 203 -11.15 -0.31 -4.91
CA VAL A 203 -10.49 0.33 -3.76
C VAL A 203 -10.94 1.77 -3.48
N THR A 204 -11.37 1.99 -2.24
CA THR A 204 -11.44 3.35 -1.70
C THR A 204 -10.07 3.68 -1.11
N TRP A 205 -9.35 4.56 -1.80
CA TRP A 205 -8.04 5.02 -1.33
C TRP A 205 -8.15 6.09 -0.28
N ILE A 206 -7.37 5.91 0.79
CA ILE A 206 -7.23 6.88 1.86
C ILE A 206 -5.71 7.11 1.99
N VAL A 207 -5.22 8.22 1.45
CA VAL A 207 -3.80 8.53 1.49
C VAL A 207 -3.52 9.58 2.57
N LEU A 208 -2.76 9.18 3.58
CA LEU A 208 -2.48 10.12 4.68
C LEU A 208 -1.62 11.29 4.17
OH ALY A 209 -6.03 18.58 1.53
CH ALY A 209 -6.04 18.87 2.73
CH3 ALY A 209 -6.39 20.28 3.16
NZ ALY A 209 -5.75 18.05 3.75
CE ALY A 209 -5.35 16.65 3.65
CD ALY A 209 -3.93 16.51 4.22
CG ALY A 209 -3.35 15.11 3.99
CB ALY A 209 -2.02 14.95 4.72
CA ALY A 209 -1.24 13.69 4.32
N ALY A 209 -1.98 12.48 4.72
C ALY A 209 0.15 13.76 4.91
O ALY A 209 1.08 14.34 4.33
N GLU A 210 0.30 13.26 6.16
CA GLU A 210 1.63 13.31 6.87
C GLU A 210 2.43 12.01 6.68
N PRO A 211 3.69 12.13 6.22
CA PRO A 211 4.53 10.94 6.06
C PRO A 211 5.05 10.40 7.40
N ILE A 212 5.58 9.17 7.39
CA ILE A 212 6.43 8.67 8.47
C ILE A 212 7.88 8.73 8.01
N SER A 213 8.82 8.68 8.94
CA SER A 213 10.22 8.78 8.57
C SER A 213 10.83 7.43 8.20
N VAL A 214 11.93 7.49 7.45
CA VAL A 214 12.79 6.33 7.21
C VAL A 214 14.17 6.89 6.92
N SER A 215 15.25 6.23 7.36
CA SER A 215 16.60 6.70 6.95
C SER A 215 17.03 6.13 5.61
N SER A 216 18.01 6.79 5.02
CA SER A 216 18.63 6.33 3.78
C SER A 216 19.19 4.91 3.96
N GLN A 217 19.86 4.69 5.09
CA GLN A 217 20.44 3.36 5.42
C GLN A 217 19.34 2.29 5.48
N GLN A 218 18.20 2.65 6.11
CA GLN A 218 17.04 1.75 6.11
C GLN A 218 16.52 1.43 4.70
N MET A 219 16.48 2.44 3.83
CA MET A 219 15.97 2.22 2.48
C MET A 219 16.78 1.12 1.74
N LEU A 220 18.09 1.08 2.01
CA LEU A 220 18.95 0.04 1.42
C LEU A 220 18.38 -1.35 1.63
OH ALY A 221 18.25 -7.76 4.82
CH ALY A 221 17.85 -7.22 5.85
CH3 ALY A 221 17.22 -7.93 7.01
NZ ALY A 221 17.93 -5.91 6.03
CE ALY A 221 18.54 -5.00 5.10
CD ALY A 221 18.99 -3.74 5.84
CG ALY A 221 18.07 -2.55 5.59
CB ALY A 221 16.93 -2.96 4.65
CA ALY A 221 17.42 -2.97 3.21
N ALY A 221 17.87 -1.64 2.85
C ALY A 221 16.29 -3.44 2.29
O ALY A 221 16.14 -4.63 2.03
N PHE A 222 15.26 -2.60 2.06
CA PHE A 222 14.20 -3.00 1.08
C PHE A 222 14.81 -3.58 -0.19
N ARG A 223 15.87 -2.92 -0.65
CA ARG A 223 16.49 -3.25 -1.96
C ARG A 223 17.34 -4.53 -1.95
N THR A 224 17.47 -5.18 -0.78
CA THR A 224 18.17 -6.47 -0.64
C THR A 224 17.29 -7.65 -1.04
N LEU A 225 15.99 -7.43 -1.08
CA LEU A 225 15.07 -8.49 -1.48
C LEU A 225 15.29 -8.95 -2.92
N ASN A 226 14.94 -10.21 -3.17
CA ASN A 226 15.04 -10.85 -4.46
C ASN A 226 13.66 -11.08 -5.06
N PHE A 227 13.51 -10.79 -6.35
CA PHE A 227 12.31 -11.17 -7.11
C PHE A 227 12.22 -12.69 -7.32
N ASN A 228 13.39 -13.31 -7.46
CA ASN A 228 13.58 -14.72 -7.86
C ASN A 228 13.45 -15.64 -6.64
N ALA A 229 13.17 -16.92 -6.88
CA ALA A 229 13.23 -17.90 -5.81
C ALA A 229 14.68 -18.35 -5.62
N GLU A 230 14.94 -18.96 -4.47
CA GLU A 230 16.22 -19.57 -4.21
C GLU A 230 16.50 -20.58 -5.32
N GLY A 231 17.75 -20.64 -5.78
CA GLY A 231 18.14 -21.58 -6.83
C GLY A 231 17.91 -21.04 -8.24
N GLU A 232 17.24 -19.88 -8.33
CA GLU A 232 17.12 -19.16 -9.59
C GLU A 232 18.16 -18.03 -9.63
N PRO A 233 18.56 -17.60 -10.84
CA PRO A 233 19.49 -16.48 -10.96
C PRO A 233 18.95 -15.21 -10.28
N GLU A 234 19.83 -14.52 -9.54
CA GLU A 234 19.43 -13.35 -8.74
C GLU A 234 18.91 -12.18 -9.60
N LEU A 235 17.79 -11.62 -9.17
CA LEU A 235 17.27 -10.37 -9.71
C LEU A 235 16.69 -9.57 -8.54
N LEU A 236 17.45 -8.56 -8.11
CA LEU A 236 17.12 -7.83 -6.88
C LEU A 236 15.85 -7.00 -7.06
N MET A 237 15.10 -6.87 -5.95
CA MET A 237 13.84 -6.14 -5.93
C MET A 237 14.18 -4.66 -5.69
N LEU A 238 14.82 -4.04 -6.71
CA LEU A 238 15.31 -2.64 -6.59
C LEU A 238 14.20 -1.59 -6.57
N ALA A 239 13.10 -1.92 -7.21
CA ALA A 239 11.96 -1.01 -7.31
C ALA A 239 10.72 -1.81 -7.63
N ASN A 240 9.58 -1.33 -7.11
CA ASN A 240 8.33 -2.05 -7.31
C ASN A 240 7.13 -1.11 -7.24
N TRP A 241 7.33 0.11 -7.76
CA TRP A 241 6.24 1.08 -7.84
C TRP A 241 5.61 1.26 -9.22
N ARG A 242 4.27 1.38 -9.24
CA ARG A 242 3.53 1.82 -10.42
C ARG A 242 3.47 3.36 -10.43
N PRO A 243 3.74 4.01 -11.57
CA PRO A 243 3.65 5.49 -11.66
C PRO A 243 2.21 5.98 -11.63
N ALA A 244 2.04 7.28 -11.43
CA ALA A 244 0.71 7.90 -11.45
C ALA A 244 -0.06 7.65 -12.76
N GLN A 245 -1.34 7.33 -12.60
CA GLN A 245 -2.27 7.07 -13.71
C GLN A 245 -3.30 8.20 -13.89
N PRO A 246 -3.89 8.31 -15.11
CA PRO A 246 -4.82 9.43 -15.38
C PRO A 246 -5.97 9.47 -14.38
N LEU A 247 -6.20 10.65 -13.80
CA LEU A 247 -7.28 10.84 -12.83
C LEU A 247 -8.66 10.67 -13.49
OH ALY A 248 -6.36 8.52 -20.62
CH ALY A 248 -7.55 8.41 -20.34
CH3 ALY A 248 -8.62 9.16 -21.12
NZ ALY A 248 -7.93 7.62 -19.32
CE ALY A 248 -9.30 7.38 -18.89
CD ALY A 248 -9.46 7.57 -17.39
CG ALY A 248 -9.31 9.04 -17.07
CB ALY A 248 -10.28 9.47 -15.98
CA ALY A 248 -9.99 10.93 -15.64
N ALY A 248 -8.83 11.02 -14.77
C ALY A 248 -11.17 11.58 -14.96
O ALY A 248 -11.04 12.73 -14.52
N ASN A 249 -12.38 11.15 -14.62
CA ASN A 249 -13.57 11.95 -14.19
C ASN A 249 -13.55 12.20 -12.67
N ARG A 250 -12.55 11.63 -11.99
CA ARG A 250 -12.54 11.53 -10.54
C ARG A 250 -12.08 12.82 -9.85
N GLN A 251 -12.52 13.01 -8.60
CA GLN A 251 -12.08 14.13 -7.77
C GLN A 251 -11.48 13.60 -6.46
N VAL A 252 -10.35 14.18 -6.07
CA VAL A 252 -9.76 13.85 -4.78
C VAL A 252 -10.36 14.76 -3.73
N ARG A 253 -10.86 14.16 -2.65
CA ARG A 253 -11.40 14.93 -1.52
C ARG A 253 -10.41 14.90 -0.35
N GLY A 254 -10.42 15.96 0.47
CA GLY A 254 -9.53 16.04 1.61
C GLY A 254 -10.26 16.23 2.92
N PHE A 255 -9.71 15.65 3.98
CA PHE A 255 -10.23 15.86 5.34
C PHE A 255 -9.08 16.10 6.33
N PRO A 256 -9.23 17.09 7.25
CA PRO A 256 -10.40 17.99 7.40
C PRO A 256 -10.45 19.09 6.33
OH ALY A 257 -5.57 21.31 7.33
CH ALY A 257 -5.02 22.41 7.25
CH3 ALY A 257 -4.00 22.85 8.26
NZ ALY A 257 -5.30 23.31 6.30
CE ALY A 257 -6.25 23.11 5.21
CD ALY A 257 -7.71 23.31 5.58
CG ALY A 257 -8.48 21.99 5.59
CB ALY A 257 -9.26 21.77 4.29
CA ALY A 257 -10.07 20.46 4.25
N ALY A 257 -9.72 19.46 5.28
C ALY A 257 -9.94 19.87 2.87
O ALY A 257 -9.02 19.09 2.64
ZN ZN B . 0.51 -1.59 -2.68
#